data_5T8N
#
_entry.id   5T8N
#
_cell.length_a   29.826
_cell.length_b   47.844
_cell.length_c   45.185
_cell.angle_alpha   90.00
_cell.angle_beta   98.87
_cell.angle_gamma   90.00
#
_symmetry.space_group_name_H-M   'P 1 21 1'
#
loop_
_entity.id
_entity.type
_entity.pdbx_description
1 polymer 'Vacuolar-sorting protein SNF7'
2 water water
#
_entity_poly.entity_id   1
_entity_poly.type   'polypeptide(L)'
_entity_poly.pdbx_seq_one_letter_code
;NAKNKESPTKAIVRLREHINLLSKKQSHLRTQITNQENEARIFLTKGNKVMAKNALKKKKTIEQLLSKVEGTMESMEQQL
FSIESANLNLETMRAMQEGAKAMKTIHSGLDIDKVDETMDEIREQVELGDEISDAISRP
;
_entity_poly.pdbx_strand_id   A
#
# COMPACT_ATOMS: atom_id res chain seq x y z
N SER A 7 6.18 5.76 -14.24
CA SER A 7 5.30 6.63 -13.46
C SER A 7 4.69 5.85 -12.30
N PRO A 8 4.27 6.57 -11.25
CA PRO A 8 3.64 5.87 -10.11
C PRO A 8 2.41 5.09 -10.51
N THR A 9 1.72 5.50 -11.57
CA THR A 9 0.44 4.87 -11.90
C THR A 9 0.62 3.59 -12.71
N LYS A 10 1.68 3.49 -13.53
CA LYS A 10 1.99 2.20 -14.14
C LYS A 10 2.30 1.17 -13.07
N ALA A 11 3.05 1.57 -12.04
CA ALA A 11 3.32 0.68 -10.93
C ALA A 11 2.02 0.28 -10.23
N ILE A 12 1.09 1.22 -10.06
CA ILE A 12 -0.20 0.93 -9.43
C ILE A 12 -0.96 -0.13 -10.22
N VAL A 13 -1.17 0.09 -11.52
CA VAL A 13 -2.02 -0.82 -12.29
C VAL A 13 -1.43 -2.23 -12.26
N ARG A 14 -0.10 -2.32 -12.29
CA ARG A 14 0.58 -3.61 -12.34
C ARG A 14 0.50 -4.37 -11.02
N LEU A 15 0.59 -3.67 -9.89
CA LEU A 15 0.35 -4.36 -8.63
C LEU A 15 -1.05 -4.93 -8.59
N ARG A 16 -2.03 -4.23 -9.15
CA ARG A 16 -3.39 -4.75 -9.18
C ARG A 16 -3.52 -5.95 -10.12
N GLU A 17 -2.84 -5.95 -11.27
CA GLU A 17 -2.93 -7.08 -12.19
C GLU A 17 -2.30 -8.31 -11.59
N HIS A 18 -1.14 -8.15 -10.94
CA HIS A 18 -0.53 -9.29 -10.26
C HIS A 18 -1.35 -9.75 -9.08
N ILE A 19 -1.95 -8.82 -8.33
CA ILE A 19 -2.77 -9.23 -7.19
C ILE A 19 -3.96 -10.05 -7.67
N ASN A 20 -4.73 -9.51 -8.62
CA ASN A 20 -5.83 -10.26 -9.21
C ASN A 20 -5.41 -11.67 -9.63
N LEU A 21 -4.28 -11.78 -10.34
CA LEU A 21 -3.80 -13.09 -10.79
C LEU A 21 -3.57 -14.03 -9.62
N LEU A 22 -2.92 -13.53 -8.58
CA LEU A 22 -2.66 -14.35 -7.40
C LEU A 22 -3.94 -14.80 -6.73
N SER A 23 -4.98 -13.95 -6.70
CA SER A 23 -6.17 -14.33 -5.93
C SER A 23 -6.92 -15.49 -6.55
N LYS A 24 -6.68 -15.81 -7.82
CA LYS A 24 -7.26 -17.01 -8.38
C LYS A 24 -6.27 -18.17 -8.47
N LYS A 25 -4.96 -17.91 -8.28
CA LYS A 25 -4.07 -18.97 -7.83
C LYS A 25 -4.55 -19.50 -6.48
N GLN A 26 -4.69 -18.59 -5.51
CA GLN A 26 -5.33 -18.87 -4.23
C GLN A 26 -6.58 -19.70 -4.41
N SER A 27 -7.48 -19.25 -5.29
CA SER A 27 -8.73 -19.96 -5.49
C SER A 27 -8.51 -21.37 -6.04
N HIS A 28 -7.58 -21.53 -7.00
CA HIS A 28 -7.30 -22.85 -7.56
C HIS A 28 -6.71 -23.77 -6.51
N LEU A 29 -5.74 -23.29 -5.74
CA LEU A 29 -5.09 -24.09 -4.73
C LEU A 29 -6.10 -24.66 -3.74
N ARG A 30 -7.04 -23.82 -3.29
CA ARG A 30 -8.01 -24.27 -2.30
C ARG A 30 -8.85 -25.42 -2.81
N THR A 31 -9.22 -25.39 -4.11
CA THR A 31 -9.93 -26.54 -4.67
C THR A 31 -9.05 -27.77 -4.64
N GLN A 32 -7.77 -27.59 -4.94
CA GLN A 32 -6.81 -28.68 -4.88
C GLN A 32 -6.68 -29.24 -3.47
N ILE A 33 -6.67 -28.37 -2.45
CA ILE A 33 -6.66 -28.86 -1.08
C ILE A 33 -7.91 -29.70 -0.80
N THR A 34 -9.06 -29.24 -1.29
CA THR A 34 -10.31 -29.96 -1.09
C THR A 34 -10.28 -31.33 -1.74
N ASN A 35 -9.59 -31.45 -2.89
CA ASN A 35 -9.57 -32.74 -3.56
C ASN A 35 -8.60 -33.73 -2.91
N GLN A 36 -7.50 -33.24 -2.35
CA GLN A 36 -6.63 -34.13 -1.58
C GLN A 36 -7.34 -34.64 -0.34
N GLU A 37 -8.13 -33.80 0.31
CA GLU A 37 -8.96 -34.23 1.43
C GLU A 37 -9.89 -35.35 1.00
N ASN A 38 -10.53 -35.19 -0.15
CA ASN A 38 -11.45 -36.22 -0.65
C ASN A 38 -10.71 -37.47 -1.10
N GLU A 39 -9.49 -37.34 -1.61
CA GLU A 39 -8.78 -38.52 -2.07
C GLU A 39 -8.38 -39.41 -0.89
N ALA A 40 -7.90 -38.81 0.20
CA ALA A 40 -7.48 -39.60 1.34
C ALA A 40 -8.66 -40.34 1.98
N ARG A 41 -9.83 -39.69 2.04
CA ARG A 41 -11.02 -40.37 2.55
C ARG A 41 -11.35 -41.61 1.72
N ILE A 42 -11.50 -41.43 0.40
CA ILE A 42 -11.74 -42.56 -0.48
C ILE A 42 -10.68 -43.64 -0.29
N PHE A 43 -9.42 -43.23 -0.10
CA PHE A 43 -8.37 -44.22 0.13
C PHE A 43 -8.62 -45.03 1.40
N LEU A 44 -9.21 -44.41 2.41
CA LEU A 44 -9.55 -45.16 3.62
C LEU A 44 -10.76 -46.03 3.41
N THR A 45 -11.69 -45.59 2.55
CA THR A 45 -12.84 -46.45 2.30
C THR A 45 -12.45 -47.69 1.52
N LYS A 46 -11.23 -47.77 0.99
CA LYS A 46 -10.67 -49.04 0.56
C LYS A 46 -9.66 -49.60 1.54
N GLY A 47 -9.58 -49.05 2.75
CA GLY A 47 -8.63 -49.57 3.71
C GLY A 47 -7.19 -49.49 3.24
N ASN A 48 -6.84 -48.47 2.48
CA ASN A 48 -5.43 -48.17 2.16
C ASN A 48 -5.05 -46.94 2.97
N LYS A 49 -4.54 -47.18 4.17
CA LYS A 49 -4.15 -46.08 5.05
C LYS A 49 -2.93 -45.36 4.54
N VAL A 50 -2.07 -46.04 3.77
CA VAL A 50 -0.82 -45.46 3.33
C VAL A 50 -1.08 -44.39 2.25
N MET A 51 -1.81 -44.78 1.20
CA MET A 51 -2.13 -43.78 0.17
C MET A 51 -3.04 -42.70 0.71
N ALA A 52 -3.83 -43.02 1.73
CA ALA A 52 -4.57 -41.96 2.43
C ALA A 52 -3.62 -41.05 3.17
N LYS A 53 -2.56 -41.62 3.77
CA LYS A 53 -1.57 -40.79 4.43
C LYS A 53 -0.79 -39.96 3.41
N ASN A 54 -0.49 -40.54 2.25
CA ASN A 54 0.22 -39.83 1.20
C ASN A 54 -0.58 -38.64 0.66
N ALA A 55 -1.90 -38.81 0.51
CA ALA A 55 -2.69 -37.69 0.02
C ALA A 55 -2.70 -36.56 1.03
N LEU A 56 -2.70 -36.92 2.32
CA LEU A 56 -2.64 -35.91 3.38
C LEU A 56 -1.32 -35.15 3.35
N LYS A 57 -0.20 -35.84 3.12
CA LYS A 57 1.08 -35.13 2.96
C LYS A 57 1.03 -34.19 1.78
N LYS A 58 0.42 -34.61 0.68
CA LYS A 58 0.34 -33.73 -0.48
C LYS A 58 -0.60 -32.57 -0.21
N LYS A 59 -1.67 -32.81 0.56
CA LYS A 59 -2.55 -31.72 0.98
C LYS A 59 -1.79 -30.65 1.75
N LYS A 60 -0.83 -31.06 2.58
CA LYS A 60 -0.05 -30.13 3.40
C LYS A 60 0.90 -29.27 2.54
N THR A 61 1.46 -29.85 1.48
CA THR A 61 2.34 -29.08 0.59
C THR A 61 1.56 -28.04 -0.20
N ILE A 62 0.30 -28.34 -0.53
CA ILE A 62 -0.52 -27.37 -1.24
C ILE A 62 -0.90 -26.23 -0.31
N GLU A 63 -1.10 -26.54 0.97
CA GLU A 63 -1.41 -25.52 1.97
C GLU A 63 -0.24 -24.59 2.20
N GLN A 64 0.97 -25.14 2.28
CA GLN A 64 2.16 -24.30 2.36
C GLN A 64 2.29 -23.41 1.13
N LEU A 65 2.06 -23.97 -0.06
CA LEU A 65 2.14 -23.17 -1.29
C LEU A 65 1.12 -22.04 -1.27
N LEU A 66 -0.09 -22.34 -0.79
CA LEU A 66 -1.12 -21.33 -0.62
C LEU A 66 -0.67 -20.22 0.33
N SER A 67 -0.07 -20.61 1.45
CA SER A 67 0.48 -19.63 2.37
C SER A 67 1.40 -18.66 1.64
N LYS A 68 2.32 -19.18 0.84
CA LYS A 68 3.28 -18.33 0.15
C LYS A 68 2.62 -17.53 -0.96
N VAL A 69 1.52 -18.03 -1.54
CA VAL A 69 0.76 -17.20 -2.47
C VAL A 69 0.10 -16.04 -1.75
N GLU A 70 -0.40 -16.26 -0.53
CA GLU A 70 -1.03 -15.17 0.21
C GLU A 70 0.00 -14.18 0.74
N GLY A 71 1.20 -14.65 1.06
CA GLY A 71 2.25 -13.75 1.49
C GLY A 71 2.69 -12.80 0.36
N THR A 72 2.72 -13.32 -0.87
CA THR A 72 3.03 -12.48 -2.02
C THR A 72 1.95 -11.42 -2.23
N MET A 73 0.68 -11.82 -2.15
CA MET A 73 -0.42 -10.90 -2.31
C MET A 73 -0.34 -9.78 -1.29
N GLU A 74 -0.16 -10.15 -0.02
CA GLU A 74 -0.11 -9.15 1.04
C GLU A 74 1.07 -8.20 0.83
N SER A 75 2.24 -8.73 0.46
CA SER A 75 3.36 -7.83 0.18
C SER A 75 2.99 -6.83 -0.90
N MET A 76 2.29 -7.29 -1.94
CA MET A 76 1.91 -6.40 -3.03
C MET A 76 0.88 -5.40 -2.58
N GLU A 77 -0.07 -5.81 -1.74
CA GLU A 77 -1.11 -4.89 -1.34
C GLU A 77 -0.56 -3.79 -0.45
N GLN A 78 0.42 -4.11 0.40
CA GLN A 78 1.01 -3.08 1.25
C GLN A 78 1.90 -2.13 0.44
N GLN A 79 2.61 -2.66 -0.55
CA GLN A 79 3.35 -1.79 -1.48
C GLN A 79 2.41 -0.84 -2.18
N LEU A 80 1.24 -1.33 -2.59
CA LEU A 80 0.24 -0.49 -3.23
C LEU A 80 -0.21 0.65 -2.31
N PHE A 81 -0.54 0.32 -1.05
CA PHE A 81 -0.96 1.35 -0.10
C PHE A 81 0.13 2.41 0.06
N SER A 82 1.39 1.98 0.10
CA SER A 82 2.45 2.96 0.32
C SER A 82 2.55 3.91 -0.86
N ILE A 83 2.36 3.40 -2.07
CA ILE A 83 2.42 4.28 -3.22
C ILE A 83 1.25 5.27 -3.21
N GLU A 84 0.03 4.79 -2.94
CA GLU A 84 -1.10 5.69 -3.00
C GLU A 84 -1.12 6.65 -1.80
N SER A 85 -0.60 6.22 -0.65
CA SER A 85 -0.43 7.12 0.48
C SER A 85 0.62 8.18 0.18
N ALA A 86 1.72 7.79 -0.47
CA ALA A 86 2.72 8.77 -0.87
C ALA A 86 2.20 9.72 -1.94
N ASN A 87 1.28 9.25 -2.80
CA ASN A 87 0.72 10.13 -3.83
C ASN A 87 -0.13 11.22 -3.21
N LEU A 88 -0.96 10.85 -2.22
CA LEU A 88 -1.77 11.84 -1.55
C LEU A 88 -0.90 12.86 -0.83
N ASN A 89 0.18 12.39 -0.17
CA ASN A 89 1.08 13.30 0.51
C ASN A 89 1.72 14.29 -0.47
N LEU A 90 2.14 13.82 -1.65
CA LEU A 90 2.62 14.72 -2.69
C LEU A 90 1.52 15.68 -3.14
N GLU A 91 0.28 15.19 -3.23
CA GLU A 91 -0.81 16.10 -3.59
C GLU A 91 -0.96 17.22 -2.58
N THR A 92 -0.63 16.94 -1.31
CA THR A 92 -0.68 18.00 -0.31
C THR A 92 0.47 19.00 -0.50
N MET A 93 1.69 18.50 -0.66
CA MET A 93 2.84 19.39 -0.77
C MET A 93 2.69 20.35 -1.93
N ARG A 94 2.35 19.85 -3.13
CA ARG A 94 2.12 20.76 -4.26
C ARG A 94 1.05 21.78 -3.96
N ALA A 95 0.04 21.40 -3.16
CA ALA A 95 -1.05 22.33 -2.91
C ALA A 95 -0.60 23.41 -1.95
N MET A 96 0.27 23.06 -1.00
CA MET A 96 0.77 24.05 -0.07
C MET A 96 1.80 24.96 -0.75
N GLN A 97 2.71 24.38 -1.53
CA GLN A 97 3.62 25.21 -2.33
C GLN A 97 2.86 26.21 -3.18
N GLU A 98 1.80 25.77 -3.87
CA GLU A 98 1.01 26.74 -4.64
C GLU A 98 0.27 27.71 -3.72
N GLY A 99 -0.09 27.29 -2.50
CA GLY A 99 -0.76 28.21 -1.61
C GLY A 99 0.18 29.26 -1.02
N ALA A 100 1.42 28.86 -0.77
CA ALA A 100 2.41 29.81 -0.24
C ALA A 100 2.79 30.85 -1.28
N LYS A 101 2.94 30.44 -2.55
CA LYS A 101 3.14 31.42 -3.61
C LYS A 101 1.96 32.38 -3.68
N ALA A 102 0.75 31.85 -3.55
CA ALA A 102 -0.42 32.73 -3.55
C ALA A 102 -0.43 33.65 -2.34
N MET A 103 -0.06 33.14 -1.15
CA MET A 103 0.06 34.00 0.02
C MET A 103 1.18 35.04 -0.12
N LYS A 104 2.14 34.82 -1.02
CA LYS A 104 3.18 35.80 -1.28
C LYS A 104 2.66 36.91 -2.18
N THR A 105 1.97 36.55 -3.26
CA THR A 105 1.35 37.57 -4.11
C THR A 105 0.44 38.47 -3.31
N ILE A 106 -0.34 37.90 -2.38
CA ILE A 106 -1.26 38.73 -1.60
C ILE A 106 -0.49 39.66 -0.67
N HIS A 107 0.63 39.19 -0.10
CA HIS A 107 1.41 40.02 0.80
C HIS A 107 2.19 41.10 0.05
N SER A 108 2.58 40.82 -1.19
CA SER A 108 3.12 41.85 -2.08
C SER A 108 2.02 42.60 -2.80
N GLY A 109 0.80 42.56 -2.28
CA GLY A 109 -0.34 43.18 -2.94
C GLY A 109 -0.40 44.69 -2.77
N LEU A 110 0.73 45.30 -2.41
CA LEU A 110 0.83 46.75 -2.25
C LEU A 110 2.07 47.24 -3.01
N ASP A 111 1.84 47.81 -4.19
CA ASP A 111 2.87 48.64 -4.81
C ASP A 111 3.10 49.91 -4.01
N ILE A 112 2.16 50.27 -3.17
CA ILE A 112 2.20 51.46 -2.34
C ILE A 112 1.59 51.06 -0.99
N ASP A 113 2.27 51.31 0.13
CA ASP A 113 3.64 51.81 0.19
C ASP A 113 4.27 51.41 1.52
N LYS A 114 5.59 51.18 1.52
CA LYS A 114 6.40 51.39 2.71
C LYS A 114 6.07 50.48 3.91
N VAL A 115 4.97 49.73 3.85
CA VAL A 115 4.39 49.16 5.06
C VAL A 115 5.31 48.11 5.69
N ASP A 116 5.70 47.09 4.92
CA ASP A 116 6.16 45.87 5.57
C ASP A 116 7.54 46.00 6.23
N GLU A 117 8.37 46.97 5.84
CA GLU A 117 9.61 47.22 6.57
C GLU A 117 9.50 48.41 7.51
N THR A 118 8.38 49.13 7.48
CA THR A 118 7.94 49.82 8.67
C THR A 118 7.55 48.81 9.74
N MET A 119 6.89 47.74 9.31
CA MET A 119 6.53 46.64 10.21
C MET A 119 7.75 45.96 10.78
N ASP A 120 8.76 45.72 9.94
CA ASP A 120 9.85 44.83 10.33
C ASP A 120 10.76 45.49 11.35
N GLU A 121 10.75 46.81 11.45
CA GLU A 121 11.56 47.47 12.46
C GLU A 121 10.74 48.09 13.59
N ILE A 122 9.40 48.05 13.50
CA ILE A 122 8.63 48.10 14.73
C ILE A 122 8.80 46.78 15.48
N ARG A 123 8.91 45.67 14.75
CA ARG A 123 9.26 44.39 15.36
C ARG A 123 10.54 44.50 16.18
N GLU A 124 11.62 44.95 15.54
CA GLU A 124 12.92 44.98 16.18
C GLU A 124 12.90 45.80 17.46
N GLN A 125 12.05 46.83 17.52
CA GLN A 125 11.88 47.55 18.78
C GLN A 125 11.18 46.68 19.82
N VAL A 126 10.09 46.02 19.44
CA VAL A 126 9.41 45.11 20.35
C VAL A 126 10.28 43.91 20.67
N GLU A 127 10.86 43.30 19.62
CA GLU A 127 11.71 42.14 19.81
C GLU A 127 12.92 42.44 20.66
N LEU A 128 13.27 43.72 20.82
CA LEU A 128 14.53 44.07 21.47
C LEU A 128 14.52 43.68 22.95
N GLY A 129 13.35 43.36 23.50
CA GLY A 129 13.22 42.94 24.90
C GLY A 129 13.69 41.54 25.23
N ASP A 130 14.49 40.92 24.36
CA ASP A 130 14.79 39.51 24.48
C ASP A 130 16.30 39.22 24.54
N GLU A 131 17.06 39.68 23.55
CA GLU A 131 18.43 39.20 23.31
C GLU A 131 18.41 37.69 23.04
#